data_4OHW
#
_entry.id   4OHW
#
_cell.length_a   99.340
_cell.length_b   99.340
_cell.length_c   40.800
_cell.angle_alpha   90.00
_cell.angle_beta   90.00
_cell.angle_gamma   120.00
#
_symmetry.space_group_name_H-M   'P 31'
#
loop_
_entity.id
_entity.type
_entity.pdbx_description
1 polymer 'Protein clpf-1'
2 non-polymer "ADENOSINE-5'-TRIPHOSPHATE"
3 non-polymer 'MANGANESE (II) ION'
4 non-polymer 'NONAETHYLENE GLYCOL'
5 water water
#
_entity_poly.entity_id   1
_entity_poly.type   'polypeptide(L)'
_entity_poly.pdbx_seq_one_letter_code
;GSHMSEENVQEFVLKEDCELRFAAGDDSDVCLELVKGYAEIFGTELLLNKKYTFPAKSRVAAFTWKGATIELVGTTESAY
VAESTPMVIYLNIHAAMEEVRKKREEQAAGNSNKAKGPRLLLVGPTDVGKTTVSRILCNYSVRQGRTPIFVELDVGQNSV
SVPGTVAAVLVQKTADVIDGFERNQPIVFNFGHTSPSANLSLYEALFKEMATTLNAQIQENDEAKIGGMIINTCGWVDGE
GYKCIVKAASAFEVDVVIVLDHERLYSDLSKELPEFVRLTHVPKSGGVEQRTGQIRSKMRGENVHRYFYGTRANNLYPFT
FDVSFDDVTLCKIGAEQLPDSCLPFGMEVENHETKLVIMEPSADIKHHLFAFSRSTKADENVLKSPVFGFCLVTEVDLEK
RTMSILCPQRTIPSKVLVFSDITHLDDQIKR
;
_entity_poly.pdbx_strand_id   A
#
loop_
_chem_comp.id
_chem_comp.type
_chem_comp.name
_chem_comp.formula
2PE non-polymer 'NONAETHYLENE GLYCOL' 'C18 H38 O10'
ATP non-polymer ADENOSINE-5'-TRIPHOSPHATE 'C10 H16 N5 O13 P3'
MN non-polymer 'MANGANESE (II) ION' 'Mn 2'
#
# COMPACT_ATOMS: atom_id res chain seq x y z
N GLU A 7 -4.58 31.65 15.03
CA GLU A 7 -4.82 30.84 13.79
C GLU A 7 -6.27 30.88 13.34
N ASN A 8 -6.47 30.82 12.02
CA ASN A 8 -7.79 30.86 11.40
C ASN A 8 -8.56 29.55 11.59
N VAL A 9 -9.82 29.67 12.00
CA VAL A 9 -10.64 28.53 12.38
C VAL A 9 -11.87 28.38 11.46
N GLN A 10 -12.16 27.15 11.05
CA GLN A 10 -13.35 26.85 10.26
C GLN A 10 -14.20 25.78 10.93
N GLU A 11 -15.50 26.05 11.05
CA GLU A 11 -16.43 25.11 11.68
C GLU A 11 -17.35 24.47 10.65
N PHE A 12 -17.62 23.18 10.81
CA PHE A 12 -18.47 22.44 9.88
C PHE A 12 -19.50 21.57 10.59
N VAL A 13 -20.74 21.66 10.11
CA VAL A 13 -21.81 20.80 10.60
C VAL A 13 -22.10 19.75 9.53
N LEU A 14 -21.92 18.48 9.91
CA LEU A 14 -22.13 17.36 9.02
C LEU A 14 -23.40 16.61 9.40
N LYS A 15 -24.37 16.60 8.49
CA LYS A 15 -25.56 15.77 8.64
C LYS A 15 -25.16 14.31 8.48
N GLU A 16 -26.05 13.39 8.85
CA GLU A 16 -25.80 11.96 8.68
C GLU A 16 -25.47 11.65 7.21
N ASP A 17 -24.49 10.77 7.02
CA ASP A 17 -24.06 10.30 5.69
C ASP A 17 -23.40 11.38 4.84
N CYS A 18 -22.86 12.40 5.49
CA CYS A 18 -22.10 13.44 4.82
C CYS A 18 -20.63 13.33 5.22
N GLU A 19 -19.74 13.85 4.37
CA GLU A 19 -18.32 13.90 4.70
C GLU A 19 -17.72 15.29 4.46
N LEU A 20 -16.84 15.70 5.37
CA LEU A 20 -16.07 16.93 5.19
C LEU A 20 -14.82 16.62 4.38
N ARG A 21 -14.76 17.17 3.18
CA ARG A 21 -13.60 17.00 2.31
C ARG A 21 -12.76 18.25 2.37
N PHE A 22 -11.51 18.11 2.79
CA PHE A 22 -10.59 19.23 2.83
C PHE A 22 -9.20 18.85 2.33
N ALA A 23 -8.53 19.84 1.75
CA ALA A 23 -7.14 19.70 1.35
C ALA A 23 -6.31 20.76 2.07
N ALA A 24 -5.24 20.31 2.71
CA ALA A 24 -4.30 21.21 3.38
C ALA A 24 -3.59 22.07 2.34
N GLY A 25 -3.26 23.30 2.74
CA GLY A 25 -2.53 24.23 1.86
C GLY A 25 -1.16 23.72 1.44
N ASP A 26 -0.52 24.47 0.54
CA ASP A 26 0.80 24.11 0.03
C ASP A 26 1.91 24.33 1.05
N ASP A 27 1.64 25.19 2.04
CA ASP A 27 2.67 25.65 2.98
C ASP A 27 2.42 25.24 4.43
N SER A 28 1.15 25.09 4.80
CA SER A 28 0.77 24.97 6.21
C SER A 28 0.07 23.67 6.60
N ASP A 29 0.14 23.34 7.88
CA ASP A 29 -0.57 22.20 8.45
C ASP A 29 -2.01 22.56 8.77
N VAL A 30 -2.89 21.57 8.67
CA VAL A 30 -4.28 21.74 9.08
C VAL A 30 -4.58 20.78 10.24
N CYS A 31 -5.13 21.33 11.32
CA CYS A 31 -5.49 20.54 12.49
CA CYS A 31 -5.49 20.54 12.49
C CYS A 31 -7.00 20.31 12.55
N LEU A 32 -7.39 19.04 12.62
CA LEU A 32 -8.81 18.66 12.69
C LEU A 32 -9.18 18.23 14.10
N GLU A 33 -10.33 18.69 14.56
CA GLU A 33 -10.89 18.23 15.83
C GLU A 33 -12.38 17.93 15.67
N LEU A 34 -12.78 16.72 16.09
CA LEU A 34 -14.18 16.37 16.22
C LEU A 34 -14.68 16.91 17.57
N VAL A 35 -15.63 17.83 17.50
CA VAL A 35 -16.15 18.49 18.71
C VAL A 35 -17.53 17.99 19.14
N LYS A 36 -18.18 17.25 18.25
CA LYS A 36 -19.53 16.73 18.53
C LYS A 36 -19.84 15.52 17.64
N GLY A 37 -20.37 14.47 18.25
CA GLY A 37 -20.84 13.30 17.52
C GLY A 37 -19.77 12.28 17.21
N TYR A 38 -19.98 11.56 16.12
CA TYR A 38 -19.10 10.47 15.70
C TYR A 38 -18.68 10.68 14.26
N ALA A 39 -17.40 10.44 13.97
CA ALA A 39 -16.87 10.55 12.62
C ALA A 39 -15.74 9.56 12.39
N GLU A 40 -15.44 9.31 11.12
CA GLU A 40 -14.34 8.43 10.75
C GLU A 40 -13.60 8.99 9.53
N ILE A 41 -12.29 8.73 9.48
CA ILE A 41 -11.48 9.08 8.32
C ILE A 41 -10.97 7.79 7.67
N PHE A 42 -11.48 7.52 6.47
CA PHE A 42 -11.15 6.33 5.70
C PHE A 42 -11.22 5.03 6.52
N GLY A 43 -12.27 4.92 7.34
CA GLY A 43 -12.55 3.70 8.10
C GLY A 43 -12.12 3.71 9.55
N THR A 44 -11.21 4.61 9.90
CA THR A 44 -10.75 4.75 11.28
C THR A 44 -11.60 5.75 12.04
N GLU A 45 -12.17 5.30 13.16
CA GLU A 45 -12.95 6.14 14.05
C GLU A 45 -12.10 7.25 14.66
N LEU A 46 -12.65 8.46 14.69
CA LEU A 46 -11.98 9.58 15.33
C LEU A 46 -12.39 9.65 16.79
N LEU A 47 -11.44 10.04 17.64
CA LEU A 47 -11.72 10.23 19.05
C LEU A 47 -12.18 11.66 19.30
N LEU A 48 -13.25 11.80 20.09
CA LEU A 48 -13.83 13.10 20.41
C LEU A 48 -12.79 14.02 21.05
N ASN A 49 -12.70 15.24 20.53
CA ASN A 49 -11.81 16.28 21.03
C ASN A 49 -10.30 16.03 20.86
N LYS A 50 -9.95 15.00 20.09
CA LYS A 50 -8.56 14.72 19.75
C LYS A 50 -8.14 15.60 18.57
N LYS A 51 -6.94 16.16 18.66
CA LYS A 51 -6.40 17.01 17.61
C LYS A 51 -5.54 16.23 16.63
N TYR A 52 -6.02 16.12 15.39
CA TYR A 52 -5.29 15.44 14.32
C TYR A 52 -4.62 16.47 13.40
N THR A 53 -3.29 16.52 13.43
CA THR A 53 -2.53 17.44 12.61
C THR A 53 -2.16 16.79 11.27
N PHE A 54 -2.68 17.34 10.19
CA PHE A 54 -2.38 16.86 8.84
C PHE A 54 -1.36 17.77 8.16
N PRO A 55 -0.30 17.17 7.59
CA PRO A 55 0.75 17.95 6.91
C PRO A 55 0.25 18.60 5.62
N ALA A 56 1.02 19.55 5.11
CA ALA A 56 0.70 20.27 3.87
C ALA A 56 0.35 19.32 2.71
N LYS A 57 -0.63 19.74 1.90
CA LYS A 57 -1.07 19.02 0.70
C LYS A 57 -1.83 17.72 0.98
N SER A 58 -2.22 17.49 2.23
CA SER A 58 -3.04 16.34 2.60
C SER A 58 -4.46 16.52 2.06
N ARG A 59 -4.99 15.46 1.44
CA ARG A 59 -6.39 15.43 1.02
C ARG A 59 -7.11 14.39 1.87
N VAL A 60 -8.17 14.84 2.55
CA VAL A 60 -8.81 14.05 3.61
C VAL A 60 -10.33 14.15 3.53
N ALA A 61 -10.99 13.04 3.81
CA ALA A 61 -12.43 13.02 4.02
C ALA A 61 -12.75 12.50 5.41
N ALA A 62 -13.51 13.28 6.17
CA ALA A 62 -14.04 12.83 7.46
C ALA A 62 -15.54 12.58 7.31
N PHE A 63 -15.91 11.31 7.39
CA PHE A 63 -17.28 10.86 7.14
C PHE A 63 -18.01 10.55 8.44
N THR A 64 -19.33 10.80 8.46
CA THR A 64 -20.16 10.48 9.62
C THR A 64 -21.43 9.72 9.23
N TRP A 65 -21.73 8.66 10.00
CA TRP A 65 -22.94 7.88 9.79
C TRP A 65 -24.17 8.50 10.46
N LYS A 66 -23.97 9.23 11.55
CA LYS A 66 -25.08 9.75 12.35
C LYS A 66 -25.11 11.28 12.50
N GLY A 67 -24.03 11.94 12.12
CA GLY A 67 -23.93 13.40 12.25
C GLY A 67 -22.77 13.83 13.11
N ALA A 68 -22.11 14.92 12.70
CA ALA A 68 -20.93 15.41 13.41
C ALA A 68 -20.73 16.92 13.24
N THR A 69 -20.02 17.51 14.21
CA THR A 69 -19.52 18.87 14.08
C THR A 69 -17.98 18.81 14.15
N ILE A 70 -17.33 19.43 13.18
CA ILE A 70 -15.88 19.33 13.06
C ILE A 70 -15.21 20.72 12.93
N GLU A 71 -14.14 20.91 13.69
CA GLU A 71 -13.35 22.12 13.65
C GLU A 71 -12.08 21.92 12.83
N LEU A 72 -11.79 22.86 11.94
CA LEU A 72 -10.51 22.88 11.22
C LEU A 72 -9.71 24.14 11.56
N VAL A 73 -8.49 23.93 12.02
CA VAL A 73 -7.57 25.02 12.36
C VAL A 73 -6.40 25.02 11.38
N GLY A 74 -6.15 26.17 10.77
CA GLY A 74 -5.08 26.30 9.78
C GLY A 74 -5.58 26.68 8.40
N THR A 75 -4.66 27.06 7.52
CA THR A 75 -5.02 27.44 6.16
C THR A 75 -5.28 26.20 5.30
N THR A 76 -6.48 26.14 4.73
CA THR A 76 -6.85 25.07 3.81
C THR A 76 -6.83 25.57 2.37
N GLU A 77 -6.52 24.65 1.45
CA GLU A 77 -6.64 24.91 0.02
C GLU A 77 -8.11 24.82 -0.38
N SER A 78 -8.79 23.82 0.18
CA SER A 78 -10.22 23.61 -0.05
C SER A 78 -10.84 22.96 1.17
N ALA A 79 -12.12 23.24 1.43
CA ALA A 79 -12.86 22.66 2.55
C ALA A 79 -14.36 22.82 2.35
N TYR A 80 -15.05 21.69 2.18
CA TYR A 80 -16.50 21.68 1.98
C TYR A 80 -17.11 20.36 2.45
N VAL A 81 -18.42 20.38 2.72
CA VAL A 81 -19.15 19.19 3.12
C VAL A 81 -19.87 18.61 1.90
N ALA A 82 -19.67 17.31 1.68
CA ALA A 82 -20.33 16.60 0.59
C ALA A 82 -21.45 15.72 1.13
N GLU A 83 -22.63 15.83 0.53
CA GLU A 83 -23.82 15.12 0.99
C GLU A 83 -23.99 13.77 0.30
N SER A 84 -23.20 13.55 -0.74
CA SER A 84 -23.31 12.34 -1.56
C SER A 84 -21.98 11.59 -1.62
N THR A 85 -21.97 10.36 -1.10
CA THR A 85 -20.78 9.50 -1.09
C THR A 85 -21.16 8.06 -1.43
N PRO A 86 -20.17 7.24 -1.85
CA PRO A 86 -20.42 5.81 -2.04
C PRO A 86 -20.12 4.96 -0.79
N MET A 87 -20.20 5.57 0.39
CA MET A 87 -19.78 4.91 1.63
C MET A 87 -20.57 3.65 2.03
N VAL A 88 -21.89 3.68 1.82
CA VAL A 88 -22.74 2.51 2.15
C VAL A 88 -22.37 1.30 1.29
N ILE A 89 -21.91 1.56 0.07
CA ILE A 89 -21.42 0.51 -0.83
C ILE A 89 -20.26 -0.26 -0.20
N TYR A 90 -19.30 0.48 0.36
CA TYR A 90 -18.15 -0.14 1.02
C TYR A 90 -18.59 -0.93 2.25
N LEU A 91 -19.56 -0.37 2.98
CA LEU A 91 -20.14 -1.04 4.14
C LEU A 91 -20.80 -2.36 3.75
N ASN A 92 -21.60 -2.33 2.69
CA ASN A 92 -22.29 -3.52 2.18
C ASN A 92 -21.30 -4.57 1.65
N ILE A 93 -20.24 -4.10 1.00
CA ILE A 93 -19.15 -4.99 0.56
C ILE A 93 -18.51 -5.69 1.77
N HIS A 94 -18.18 -4.92 2.80
CA HIS A 94 -17.64 -5.45 4.04
C HIS A 94 -18.58 -6.47 4.69
N ALA A 95 -19.85 -6.11 4.82
CA ALA A 95 -20.87 -6.97 5.43
C ALA A 95 -21.02 -8.30 4.68
N ALA A 96 -20.94 -8.24 3.36
CA ALA A 96 -21.02 -9.43 2.51
C ALA A 96 -19.82 -10.36 2.74
N MET A 97 -18.65 -9.78 2.95
CA MET A 97 -17.43 -10.54 3.24
C MET A 97 -17.51 -11.23 4.60
N GLU A 98 -18.08 -10.55 5.60
CA GLU A 98 -18.26 -11.09 6.94
C GLU A 98 -19.28 -12.24 6.95
N GLU A 99 -20.27 -12.15 6.05
CA GLU A 99 -21.25 -13.22 5.86
C GLU A 99 -20.58 -14.51 5.35
N VAL A 100 -19.62 -14.35 4.44
CA VAL A 100 -18.84 -15.46 3.90
C VAL A 100 -17.99 -16.10 5.00
N ARG A 101 -17.43 -15.26 5.87
CA ARG A 101 -16.65 -15.73 7.02
C ARG A 101 -17.49 -16.59 7.95
N LYS A 102 -18.68 -16.10 8.31
CA LYS A 102 -19.61 -16.82 9.20
C LYS A 102 -20.02 -18.17 8.64
N LYS A 103 -20.35 -18.20 7.34
CA LYS A 103 -20.76 -19.42 6.65
C LYS A 103 -19.66 -20.48 6.63
N ARG A 104 -18.43 -20.05 6.38
CA ARG A 104 -17.29 -20.95 6.28
C ARG A 104 -16.77 -21.42 7.63
N GLU A 105 -16.96 -20.59 8.66
CA GLU A 105 -16.62 -20.95 10.04
C GLU A 105 -17.55 -22.03 10.58
N GLU A 106 -18.80 -22.01 10.11
CA GLU A 106 -19.81 -22.99 10.53
C GLU A 106 -19.78 -24.28 9.70
N GLN A 107 -18.78 -24.40 8.83
CA GLN A 107 -18.61 -25.58 7.99
C GLN A 107 -17.25 -26.25 8.20
N ALA A 108 -16.42 -25.63 9.05
CA ALA A 108 -15.10 -26.18 9.38
C ALA A 108 -15.07 -26.76 10.79
N ALA A 109 -14.89 -28.08 10.87
CA ALA A 109 -14.82 -28.79 12.14
C ALA A 109 -13.95 -30.03 12.02
N LYS A 114 -8.94 -25.66 8.53
CA LYS A 114 -9.65 -24.53 9.13
C LYS A 114 -10.27 -23.62 8.08
N ALA A 115 -11.24 -22.81 8.51
CA ALA A 115 -12.01 -21.94 7.60
C ALA A 115 -11.15 -20.87 6.93
N LYS A 116 -11.28 -20.77 5.61
CA LYS A 116 -10.52 -19.80 4.82
C LYS A 116 -11.37 -18.56 4.54
N GLY A 117 -10.79 -17.39 4.81
CA GLY A 117 -11.48 -16.12 4.63
C GLY A 117 -11.61 -15.70 3.17
N PRO A 118 -12.62 -14.88 2.86
CA PRO A 118 -12.86 -14.39 1.50
C PRO A 118 -11.74 -13.49 1.01
N ARG A 119 -11.44 -13.57 -0.28
CA ARG A 119 -10.37 -12.77 -0.87
C ARG A 119 -10.93 -11.84 -1.93
N LEU A 120 -10.58 -10.56 -1.79
CA LEU A 120 -11.15 -9.52 -2.65
C LEU A 120 -10.07 -8.82 -3.45
N LEU A 121 -10.33 -8.67 -4.75
CA LEU A 121 -9.42 -7.98 -5.66
C LEU A 121 -10.00 -6.64 -6.10
N LEU A 122 -9.27 -5.57 -5.80
CA LEU A 122 -9.65 -4.23 -6.25
C LEU A 122 -8.91 -3.89 -7.53
N VAL A 123 -9.69 -3.57 -8.56
CA VAL A 123 -9.15 -3.24 -9.89
C VAL A 123 -9.74 -1.93 -10.40
N GLY A 124 -9.02 -1.30 -11.33
CA GLY A 124 -9.44 -0.02 -11.91
C GLY A 124 -8.24 0.81 -12.32
N PRO A 125 -8.49 1.91 -13.05
CA PRO A 125 -7.41 2.78 -13.52
C PRO A 125 -6.87 3.68 -12.41
N THR A 126 -5.93 4.56 -12.75
CA THR A 126 -5.36 5.50 -11.79
C THR A 126 -6.40 6.52 -11.33
N ASP A 127 -6.19 7.07 -10.13
CA ASP A 127 -7.02 8.16 -9.59
C ASP A 127 -8.51 7.82 -9.42
N VAL A 128 -8.80 6.62 -8.91
CA VAL A 128 -10.18 6.23 -8.61
C VAL A 128 -10.42 5.97 -7.11
N GLY A 129 -9.37 6.16 -6.32
CA GLY A 129 -9.46 5.99 -4.87
C GLY A 129 -9.34 4.54 -4.42
N LYS A 130 -8.60 3.75 -5.20
CA LYS A 130 -8.40 2.33 -4.92
C LYS A 130 -7.69 2.06 -3.59
N THR A 131 -6.66 2.85 -3.29
CA THR A 131 -5.94 2.76 -2.01
C THR A 131 -6.86 3.14 -0.85
N THR A 132 -7.64 4.20 -1.03
CA THR A 132 -8.60 4.67 -0.03
C THR A 132 -9.66 3.61 0.30
N VAL A 133 -10.19 2.97 -0.75
CA VAL A 133 -11.21 1.93 -0.59
C VAL A 133 -10.64 0.70 0.14
N SER A 134 -9.42 0.31 -0.23
CA SER A 134 -8.74 -0.82 0.42
CA SER A 134 -8.70 -0.80 0.42
C SER A 134 -8.57 -0.56 1.93
N ARG A 135 -8.19 0.67 2.27
CA ARG A 135 -8.00 1.10 3.65
C ARG A 135 -9.30 1.04 4.45
N ILE A 136 -10.38 1.50 3.86
CA ILE A 136 -11.71 1.46 4.48
C ILE A 136 -12.15 0.01 4.74
N LEU A 137 -12.01 -0.83 3.72
CA LEU A 137 -12.38 -2.25 3.83
C LEU A 137 -11.55 -3.00 4.88
N CYS A 138 -10.25 -2.70 4.96
CA CYS A 138 -9.38 -3.29 5.98
C CYS A 138 -9.78 -2.83 7.38
N ASN A 139 -10.00 -1.52 7.55
CA ASN A 139 -10.42 -0.94 8.82
C ASN A 139 -11.74 -1.52 9.33
N TYR A 140 -12.68 -1.70 8.41
CA TYR A 140 -14.00 -2.26 8.74
C TYR A 140 -13.89 -3.73 9.18
N SER A 141 -12.99 -4.48 8.53
CA SER A 141 -12.68 -5.85 8.93
C SER A 141 -12.08 -5.90 10.33
N VAL A 142 -11.15 -5.00 10.62
CA VAL A 142 -10.54 -4.87 11.95
C VAL A 142 -11.60 -4.51 13.00
N ARG A 143 -12.46 -3.55 12.65
CA ARG A 143 -13.54 -3.11 13.53
C ARG A 143 -14.59 -4.21 13.77
N GLN A 144 -14.60 -5.20 12.89
CA GLN A 144 -15.46 -6.38 13.05
C GLN A 144 -14.81 -7.42 13.98
N GLY A 145 -13.50 -7.27 14.21
CA GLY A 145 -12.76 -8.17 15.07
C GLY A 145 -11.85 -9.11 14.30
N ARG A 146 -11.72 -8.86 13.00
CA ARG A 146 -10.92 -9.71 12.11
C ARG A 146 -9.53 -9.14 11.89
N THR A 147 -8.61 -10.00 11.44
CA THR A 147 -7.26 -9.59 11.05
C THR A 147 -7.02 -9.97 9.59
N PRO A 148 -7.39 -9.07 8.66
CA PRO A 148 -7.20 -9.37 7.24
C PRO A 148 -5.75 -9.17 6.81
N ILE A 149 -5.37 -9.80 5.71
CA ILE A 149 -4.08 -9.51 5.09
C ILE A 149 -4.29 -8.53 3.95
N PHE A 150 -3.59 -7.41 4.00
CA PHE A 150 -3.63 -6.42 2.95
C PHE A 150 -2.49 -6.67 1.97
N VAL A 151 -2.82 -6.89 0.70
CA VAL A 151 -1.83 -7.16 -0.33
C VAL A 151 -1.73 -5.97 -1.29
N GLU A 152 -0.51 -5.49 -1.49
CA GLU A 152 -0.23 -4.36 -2.37
C GLU A 152 0.57 -4.82 -3.58
N LEU A 153 -0.07 -4.85 -4.75
CA LEU A 153 0.56 -5.25 -6.00
C LEU A 153 1.04 -4.06 -6.85
N ASP A 154 0.68 -2.85 -6.43
CA ASP A 154 1.06 -1.64 -7.16
C ASP A 154 2.53 -1.30 -6.90
N VAL A 155 3.36 -1.55 -7.89
CA VAL A 155 4.81 -1.29 -7.78
C VAL A 155 5.15 0.19 -7.97
N GLY A 156 4.19 0.98 -8.44
CA GLY A 156 4.37 2.42 -8.61
C GLY A 156 4.25 3.15 -7.30
N GLN A 157 3.05 3.10 -6.73
CA GLN A 157 2.74 3.72 -5.44
C GLN A 157 2.41 2.61 -4.45
N ASN A 158 3.16 2.56 -3.35
CA ASN A 158 3.02 1.51 -2.36
C ASN A 158 2.77 2.08 -0.98
N SER A 159 1.71 1.61 -0.33
CA SER A 159 1.36 2.06 1.02
C SER A 159 2.03 1.21 2.11
N VAL A 160 2.67 0.12 1.69
CA VAL A 160 3.31 -0.81 2.63
C VAL A 160 4.84 -0.61 2.68
N SER A 161 5.47 -0.61 1.51
CA SER A 161 6.91 -0.46 1.41
C SER A 161 7.30 0.69 0.46
N VAL A 162 8.53 0.65 -0.04
CA VAL A 162 9.03 1.62 -1.01
C VAL A 162 8.46 1.35 -2.41
N PRO A 163 8.60 2.31 -3.35
CA PRO A 163 8.22 2.03 -4.74
C PRO A 163 9.05 0.88 -5.34
N GLY A 164 8.44 0.15 -6.27
CA GLY A 164 9.09 -0.98 -6.91
C GLY A 164 8.99 -2.25 -6.08
N THR A 165 7.94 -2.35 -5.27
CA THR A 165 7.74 -3.51 -4.42
C THR A 165 6.34 -4.11 -4.53
N VAL A 166 6.28 -5.43 -4.38
CA VAL A 166 5.03 -6.16 -4.15
C VAL A 166 5.07 -6.55 -2.68
N ALA A 167 4.08 -6.11 -1.91
CA ALA A 167 4.13 -6.25 -0.45
C ALA A 167 2.80 -6.66 0.18
N ALA A 168 2.89 -7.22 1.39
CA ALA A 168 1.72 -7.61 2.16
C ALA A 168 1.96 -7.47 3.67
N VAL A 169 0.92 -7.02 4.39
CA VAL A 169 0.96 -6.90 5.85
CA VAL A 169 0.95 -6.90 5.85
C VAL A 169 -0.30 -7.50 6.47
N LEU A 170 -0.14 -8.11 7.64
CA LEU A 170 -1.28 -8.57 8.43
C LEU A 170 -1.82 -7.35 9.18
N VAL A 171 -3.11 -7.09 9.03
CA VAL A 171 -3.73 -5.91 9.64
C VAL A 171 -4.42 -6.31 10.95
N GLN A 172 -3.87 -5.84 12.06
CA GLN A 172 -4.38 -6.21 13.40
C GLN A 172 -5.00 -5.03 14.12
N LYS A 173 -4.72 -3.83 13.63
CA LYS A 173 -5.28 -2.60 14.18
C LYS A 173 -5.72 -1.69 13.05
N THR A 174 -6.67 -0.81 13.33
CA THR A 174 -7.11 0.18 12.36
C THR A 174 -5.97 1.13 12.01
N ALA A 175 -5.98 1.64 10.78
CA ALA A 175 -4.98 2.59 10.32
C ALA A 175 -4.90 3.81 11.22
N ASP A 176 -3.69 4.28 11.47
CA ASP A 176 -3.50 5.57 12.09
C ASP A 176 -4.01 6.63 11.12
N VAL A 177 -4.79 7.58 11.64
CA VAL A 177 -5.43 8.60 10.82
C VAL A 177 -4.44 9.33 9.90
N ILE A 178 -3.28 9.70 10.45
CA ILE A 178 -2.24 10.38 9.70
C ILE A 178 -1.28 9.39 9.01
N ASP A 179 -0.83 8.39 9.75
CA ASP A 179 0.25 7.50 9.30
C ASP A 179 -0.16 6.28 8.49
N GLY A 180 -1.45 5.93 8.52
CA GLY A 180 -1.94 4.73 7.86
C GLY A 180 -1.67 3.48 8.68
N PHE A 181 -1.63 2.34 8.01
CA PHE A 181 -1.42 1.06 8.69
C PHE A 181 0.02 0.89 9.17
N GLU A 182 0.18 0.18 10.28
CA GLU A 182 1.50 -0.15 10.81
C GLU A 182 2.21 -1.15 9.91
N ARG A 183 3.51 -0.94 9.73
CA ARG A 183 4.34 -1.89 8.99
C ARG A 183 4.76 -3.04 9.90
N ASN A 184 3.76 -3.79 10.36
CA ASN A 184 3.95 -4.91 11.28
C ASN A 184 4.55 -6.13 10.56
N GLN A 185 5.87 -6.22 10.57
CA GLN A 185 6.62 -7.28 9.87
C GLN A 185 6.07 -7.58 8.47
N PRO A 186 6.33 -6.67 7.50
CA PRO A 186 5.79 -6.85 6.16
C PRO A 186 6.51 -7.91 5.34
N ILE A 187 5.77 -8.59 4.46
CA ILE A 187 6.36 -9.49 3.49
C ILE A 187 6.57 -8.70 2.20
N VAL A 188 7.83 -8.42 1.89
CA VAL A 188 8.19 -7.52 0.78
C VAL A 188 9.04 -8.24 -0.27
N PHE A 189 8.62 -8.13 -1.52
CA PHE A 189 9.41 -8.60 -2.66
C PHE A 189 9.87 -7.39 -3.48
N ASN A 190 11.14 -7.42 -3.89
CA ASN A 190 11.72 -6.34 -4.69
C ASN A 190 11.53 -6.55 -6.20
N PHE A 191 10.77 -5.67 -6.83
CA PHE A 191 10.57 -5.68 -8.27
C PHE A 191 11.59 -4.78 -8.98
N GLY A 192 11.88 -3.63 -8.37
CA GLY A 192 12.92 -2.74 -8.86
C GLY A 192 12.52 -1.79 -9.98
N HIS A 193 11.22 -1.72 -10.27
CA HIS A 193 10.69 -0.81 -11.29
C HIS A 193 9.35 -0.23 -10.87
N THR A 194 9.08 1.01 -11.31
CA THR A 194 7.83 1.70 -10.98
C THR A 194 6.65 1.20 -11.82
N SER A 195 6.95 0.52 -12.92
CA SER A 195 5.93 0.01 -13.83
C SER A 195 6.18 -1.47 -14.12
N PRO A 196 5.10 -2.28 -14.11
CA PRO A 196 5.18 -3.71 -14.45
C PRO A 196 5.64 -3.96 -15.89
N SER A 197 5.37 -3.01 -16.77
CA SER A 197 5.74 -3.12 -18.19
C SER A 197 7.25 -3.19 -18.43
N ALA A 198 8.03 -2.78 -17.43
CA ALA A 198 9.49 -2.87 -17.49
C ALA A 198 9.98 -4.32 -17.50
N ASN A 199 9.29 -5.18 -16.74
CA ASN A 199 9.60 -6.61 -16.70
C ASN A 199 8.34 -7.42 -16.35
N LEU A 200 7.58 -7.78 -17.37
CA LEU A 200 6.27 -8.42 -17.21
C LEU A 200 6.35 -9.83 -16.62
N SER A 201 7.33 -10.61 -17.06
CA SER A 201 7.51 -11.98 -16.58
C SER A 201 7.94 -12.05 -15.12
N LEU A 202 8.73 -11.06 -14.68
CA LEU A 202 9.16 -10.97 -13.29
C LEU A 202 8.01 -10.51 -12.38
N TYR A 203 7.21 -9.58 -12.88
CA TYR A 203 6.06 -9.07 -12.13
C TYR A 203 5.05 -10.18 -11.83
N GLU A 204 4.75 -10.99 -12.85
CA GLU A 204 3.87 -12.14 -12.71
C GLU A 204 4.43 -13.15 -11.73
N ALA A 205 5.74 -13.42 -11.84
CA ALA A 205 6.43 -14.36 -10.95
C ALA A 205 6.38 -13.92 -9.50
N LEU A 206 6.45 -12.61 -9.27
CA LEU A 206 6.47 -12.06 -7.91
C LEU A 206 5.14 -12.14 -7.18
N PHE A 207 4.04 -11.78 -7.86
CA PHE A 207 2.73 -11.89 -7.21
C PHE A 207 2.21 -13.34 -7.10
N LYS A 208 2.73 -14.21 -7.96
CA LYS A 208 2.46 -15.65 -7.82
C LYS A 208 3.23 -16.22 -6.62
N GLU A 209 4.45 -15.72 -6.43
CA GLU A 209 5.26 -16.11 -5.27
C GLU A 209 4.68 -15.54 -3.98
N MET A 210 4.18 -14.30 -4.06
CA MET A 210 3.48 -13.68 -2.94
C MET A 210 2.28 -14.53 -2.51
N ALA A 211 1.48 -14.94 -3.49
CA ALA A 211 0.31 -15.79 -3.25
C ALA A 211 0.67 -17.13 -2.62
N THR A 212 1.70 -17.78 -3.16
CA THR A 212 2.18 -19.07 -2.64
C THR A 212 2.71 -18.93 -1.21
N THR A 213 3.48 -17.87 -0.97
CA THR A 213 4.01 -17.57 0.36
C THR A 213 2.89 -17.41 1.38
N LEU A 214 1.91 -16.56 1.06
CA LEU A 214 0.79 -16.27 1.96
C LEU A 214 -0.10 -17.48 2.23
N ASN A 215 -0.34 -18.28 1.20
CA ASN A 215 -1.11 -19.51 1.33
C ASN A 215 -0.50 -20.50 2.32
N ALA A 216 0.82 -20.50 2.42
CA ALA A 216 1.55 -21.34 3.37
C ALA A 216 1.61 -20.70 4.76
N GLN A 217 1.71 -19.36 4.78
CA GLN A 217 1.73 -18.60 6.03
C GLN A 217 0.42 -18.76 6.82
N ILE A 218 -0.71 -18.73 6.13
CA ILE A 218 -2.03 -18.83 6.76
C ILE A 218 -2.35 -20.22 7.32
N GLN A 219 -1.58 -21.22 6.89
CA GLN A 219 -1.72 -22.57 7.44
C GLN A 219 -1.18 -22.64 8.87
N GLU A 220 -0.36 -21.66 9.22
CA GLU A 220 0.22 -21.55 10.57
C GLU A 220 -0.54 -20.55 11.46
N ASN A 221 -1.48 -19.81 10.85
CA ASN A 221 -2.23 -18.78 11.56
C ASN A 221 -3.72 -18.81 11.22
N ASP A 222 -4.53 -19.30 12.16
CA ASP A 222 -5.97 -19.45 11.99
C ASP A 222 -6.70 -18.12 11.77
N GLU A 223 -6.30 -17.10 12.53
CA GLU A 223 -6.93 -15.77 12.46
C GLU A 223 -6.63 -15.06 11.14
N ALA A 224 -5.39 -15.18 10.68
CA ALA A 224 -4.98 -14.61 9.40
C ALA A 224 -5.70 -15.31 8.24
N LYS A 225 -5.92 -16.62 8.38
CA LYS A 225 -6.61 -17.41 7.36
C LYS A 225 -8.06 -16.97 7.18
N ILE A 226 -8.80 -16.89 8.29
CA ILE A 226 -10.21 -16.47 8.26
C ILE A 226 -10.36 -14.96 8.03
N GLY A 227 -9.32 -14.19 8.34
CA GLY A 227 -9.32 -12.74 8.11
C GLY A 227 -9.44 -12.39 6.64
N GLY A 228 -8.97 -13.28 5.78
CA GLY A 228 -9.08 -13.10 4.34
C GLY A 228 -8.06 -12.13 3.78
N MET A 229 -8.28 -11.70 2.54
CA MET A 229 -7.34 -10.84 1.85
C MET A 229 -8.04 -9.70 1.12
N ILE A 230 -7.45 -8.51 1.23
CA ILE A 230 -7.85 -7.38 0.42
C ILE A 230 -6.66 -6.99 -0.45
N ILE A 231 -6.83 -7.13 -1.77
CA ILE A 231 -5.72 -6.99 -2.71
C ILE A 231 -5.87 -5.77 -3.62
N ASN A 232 -4.90 -4.86 -3.52
CA ASN A 232 -4.82 -3.65 -4.32
C ASN A 232 -3.92 -3.87 -5.54
N THR A 233 -4.38 -3.43 -6.71
CA THR A 233 -3.61 -3.56 -7.95
C THR A 233 -3.09 -2.21 -8.43
N CYS A 234 -2.22 -2.24 -9.44
CA CYS A 234 -1.79 -1.02 -10.12
C CYS A 234 -2.89 -0.57 -11.09
N GLY A 235 -2.80 0.68 -11.56
CA GLY A 235 -3.81 1.25 -12.44
C GLY A 235 -3.71 0.89 -13.92
N TRP A 236 -2.84 -0.07 -14.24
CA TRP A 236 -2.63 -0.50 -15.62
C TRP A 236 -3.67 -1.53 -16.03
N VAL A 237 -4.69 -1.08 -16.76
CA VAL A 237 -5.83 -1.91 -17.13
C VAL A 237 -5.86 -2.30 -18.61
N ASP A 238 -5.02 -1.65 -19.41
CA ASP A 238 -4.98 -1.85 -20.86
C ASP A 238 -3.91 -2.83 -21.29
N GLY A 239 -4.13 -3.48 -22.43
CA GLY A 239 -3.16 -4.38 -23.04
C GLY A 239 -2.75 -5.55 -22.16
N GLU A 240 -1.46 -5.62 -21.86
CA GLU A 240 -0.88 -6.68 -21.02
C GLU A 240 -1.31 -6.54 -19.56
N GLY A 241 -1.69 -5.32 -19.18
CA GLY A 241 -2.15 -5.03 -17.82
C GLY A 241 -3.45 -5.73 -17.47
N TYR A 242 -4.31 -5.91 -18.48
CA TYR A 242 -5.55 -6.66 -18.31
C TYR A 242 -5.29 -8.13 -17.97
N LYS A 243 -4.32 -8.73 -18.64
CA LYS A 243 -3.92 -10.13 -18.37
C LYS A 243 -3.36 -10.33 -16.97
N CYS A 244 -2.63 -9.33 -16.47
CA CYS A 244 -2.10 -9.35 -15.11
C CYS A 244 -3.21 -9.41 -14.06
N ILE A 245 -4.30 -8.69 -14.32
CA ILE A 245 -5.47 -8.68 -13.45
C ILE A 245 -6.12 -10.07 -13.36
N VAL A 246 -6.32 -10.68 -14.53
CA VAL A 246 -6.89 -12.04 -14.63
C VAL A 246 -5.98 -13.06 -13.93
N LYS A 247 -4.66 -12.90 -14.11
CA LYS A 247 -3.67 -13.78 -13.49
C LYS A 247 -3.57 -13.60 -11.98
N ALA A 248 -3.69 -12.36 -11.52
CA ALA A 248 -3.69 -12.06 -10.09
C ALA A 248 -4.94 -12.66 -9.43
N ALA A 249 -6.07 -12.55 -10.12
CA ALA A 249 -7.34 -13.11 -9.66
C ALA A 249 -7.26 -14.63 -9.50
N SER A 250 -6.58 -15.28 -10.45
CA SER A 250 -6.41 -16.74 -10.46
C SER A 250 -5.42 -17.21 -9.39
N ALA A 251 -4.25 -16.56 -9.32
CA ALA A 251 -3.19 -16.94 -8.38
C ALA A 251 -3.62 -16.77 -6.92
N PHE A 252 -4.35 -15.70 -6.64
CA PHE A 252 -4.83 -15.42 -5.29
C PHE A 252 -6.17 -16.07 -4.97
N GLU A 253 -6.76 -16.75 -5.96
CA GLU A 253 -8.04 -17.46 -5.80
C GLU A 253 -9.13 -16.57 -5.19
N VAL A 254 -9.34 -15.41 -5.81
CA VAL A 254 -10.25 -14.40 -5.25
C VAL A 254 -11.72 -14.78 -5.39
N ASP A 255 -12.50 -14.42 -4.39
CA ASP A 255 -13.94 -14.69 -4.37
C ASP A 255 -14.71 -13.50 -4.93
N VAL A 256 -14.14 -12.30 -4.76
CA VAL A 256 -14.79 -11.06 -5.15
C VAL A 256 -13.82 -10.17 -5.92
N VAL A 257 -14.30 -9.59 -7.01
CA VAL A 257 -13.56 -8.56 -7.74
C VAL A 257 -14.38 -7.26 -7.78
N ILE A 258 -13.82 -6.21 -7.21
CA ILE A 258 -14.42 -4.89 -7.23
C ILE A 258 -13.75 -4.04 -8.33
N VAL A 259 -14.56 -3.55 -9.27
CA VAL A 259 -14.09 -2.64 -10.31
C VAL A 259 -14.50 -1.21 -9.97
N LEU A 260 -13.52 -0.32 -9.86
CA LEU A 260 -13.76 1.09 -9.60
C LEU A 260 -13.71 1.92 -10.88
N ASP A 261 -14.88 2.46 -11.25
CA ASP A 261 -15.00 3.46 -12.33
C ASP A 261 -14.33 3.03 -13.65
N HIS A 262 -14.72 1.87 -14.17
CA HIS A 262 -14.29 1.40 -15.48
C HIS A 262 -15.25 0.34 -16.02
N GLU A 263 -16.23 0.78 -16.81
CA GLU A 263 -17.29 -0.10 -17.29
C GLU A 263 -16.83 -1.12 -18.34
N ARG A 264 -15.85 -0.75 -19.17
CA ARG A 264 -15.29 -1.67 -20.17
C ARG A 264 -14.51 -2.81 -19.50
N LEU A 265 -13.72 -2.48 -18.48
CA LEU A 265 -12.98 -3.47 -17.69
C LEU A 265 -13.95 -4.41 -16.97
N TYR A 266 -15.01 -3.84 -16.40
CA TYR A 266 -16.09 -4.61 -15.79
C TYR A 266 -16.72 -5.58 -16.79
N SER A 267 -17.05 -5.06 -17.97
CA SER A 267 -17.66 -5.85 -19.05
C SER A 267 -16.76 -7.00 -19.50
N ASP A 268 -15.47 -6.71 -19.66
CA ASP A 268 -14.49 -7.72 -20.09
C ASP A 268 -14.24 -8.81 -19.05
N LEU A 269 -14.16 -8.41 -17.78
CA LEU A 269 -13.93 -9.36 -16.68
C LEU A 269 -15.12 -10.27 -16.43
N SER A 270 -16.33 -9.77 -16.67
CA SER A 270 -17.56 -10.54 -16.50
C SER A 270 -17.64 -11.74 -17.45
N LYS A 271 -16.90 -11.66 -18.56
CA LYS A 271 -16.94 -12.68 -19.61
C LYS A 271 -15.75 -13.65 -19.55
N GLU A 272 -14.76 -13.34 -18.72
CA GLU A 272 -13.55 -14.16 -18.62
C GLU A 272 -13.40 -14.86 -17.27
N LEU A 273 -13.74 -14.16 -16.20
CA LEU A 273 -13.64 -14.70 -14.84
C LEU A 273 -14.57 -15.90 -14.65
N PRO A 274 -14.12 -16.90 -13.85
CA PRO A 274 -14.97 -18.04 -13.50
C PRO A 274 -16.31 -17.58 -12.90
N GLU A 275 -17.35 -18.39 -13.10
CA GLU A 275 -18.72 -18.01 -12.71
C GLU A 275 -18.93 -17.80 -11.22
N PHE A 276 -18.13 -18.46 -10.38
CA PHE A 276 -18.26 -18.35 -8.92
C PHE A 276 -17.79 -17.00 -8.37
N VAL A 277 -16.96 -16.30 -9.15
CA VAL A 277 -16.40 -15.00 -8.74
C VAL A 277 -17.43 -13.89 -8.86
N ARG A 278 -17.77 -13.27 -7.72
CA ARG A 278 -18.69 -12.15 -7.71
C ARG A 278 -17.98 -10.88 -8.20
N LEU A 279 -18.60 -10.24 -9.19
CA LEU A 279 -18.01 -9.04 -9.79
C LEU A 279 -18.91 -7.84 -9.56
N THR A 280 -18.36 -6.81 -8.92
CA THR A 280 -19.10 -5.60 -8.57
C THR A 280 -18.46 -4.36 -9.17
N HIS A 281 -19.26 -3.57 -9.89
CA HIS A 281 -18.82 -2.27 -10.37
C HIS A 281 -19.30 -1.17 -9.43
N VAL A 282 -18.36 -0.36 -8.97
CA VAL A 282 -18.66 0.75 -8.06
C VAL A 282 -18.13 2.06 -8.64
N PRO A 283 -18.86 3.18 -8.41
CA PRO A 283 -18.35 4.46 -8.88
C PRO A 283 -17.21 4.96 -8.00
N LYS A 284 -16.35 5.80 -8.56
CA LYS A 284 -15.33 6.46 -7.75
C LYS A 284 -15.99 7.58 -6.94
N SER A 285 -15.44 7.86 -5.76
CA SER A 285 -15.88 8.99 -4.95
C SER A 285 -15.63 10.30 -5.69
N GLY A 286 -16.54 11.26 -5.50
CA GLY A 286 -16.37 12.61 -6.05
C GLY A 286 -15.27 13.40 -5.38
N GLY A 287 -14.73 12.85 -4.30
CA GLY A 287 -13.65 13.50 -3.54
C GLY A 287 -12.26 13.09 -4.00
N VAL A 288 -12.19 12.20 -4.99
CA VAL A 288 -10.90 11.78 -5.54
C VAL A 288 -10.45 12.80 -6.59
N GLU A 289 -9.24 13.31 -6.41
CA GLU A 289 -8.62 14.26 -7.34
C GLU A 289 -7.61 13.52 -8.22
N GLN A 290 -7.56 13.87 -9.51
CA GLN A 290 -6.61 13.27 -10.43
C GLN A 290 -5.20 13.83 -10.27
N ARG A 291 -4.22 12.92 -10.32
CA ARG A 291 -2.82 13.27 -10.13
C ARG A 291 -2.07 13.35 -11.46
N THR A 292 -1.04 14.19 -11.51
CA THR A 292 -0.18 14.30 -12.68
C THR A 292 1.10 13.48 -12.46
N GLY A 293 1.98 13.47 -13.46
CA GLY A 293 3.25 12.77 -13.37
C GLY A 293 4.17 13.33 -12.29
N GLN A 294 4.15 14.66 -12.15
CA GLN A 294 4.97 15.36 -11.16
C GLN A 294 4.56 15.01 -9.73
N ILE A 295 3.25 14.93 -9.49
CA ILE A 295 2.70 14.60 -8.17
C ILE A 295 3.09 13.17 -7.75
N ARG A 296 2.95 12.22 -8.67
CA ARG A 296 3.28 10.81 -8.41
C ARG A 296 4.77 10.61 -8.16
N SER A 297 5.60 11.36 -8.89
CA SER A 297 7.05 11.32 -8.73
C SER A 297 7.47 11.90 -7.37
N LYS A 298 6.78 12.96 -6.97
CA LYS A 298 7.01 13.60 -5.66
C LYS A 298 6.57 12.69 -4.52
N MET A 299 5.41 12.05 -4.69
CA MET A 299 4.86 11.15 -3.67
C MET A 299 5.67 9.85 -3.53
N ARG A 300 6.29 9.41 -4.62
CA ARG A 300 7.21 8.28 -4.59
C ARG A 300 8.45 8.62 -3.75
N GLY A 301 8.97 9.83 -3.95
CA GLY A 301 10.09 10.34 -3.15
C GLY A 301 9.73 10.49 -1.68
N GLU A 302 8.49 10.92 -1.42
CA GLU A 302 7.98 11.04 -0.05
C GLU A 302 7.80 9.68 0.61
N ASN A 303 7.46 8.67 -0.19
CA ASN A 303 7.35 7.29 0.29
C ASN A 303 8.69 6.71 0.72
N VAL A 304 9.74 6.99 -0.06
CA VAL A 304 11.11 6.58 0.28
C VAL A 304 11.57 7.27 1.57
N HIS A 305 11.29 8.57 1.68
CA HIS A 305 11.64 9.37 2.85
C HIS A 305 10.94 8.87 4.11
N ARG A 306 9.69 8.44 3.97
CA ARG A 306 8.90 7.90 5.07
C ARG A 306 9.44 6.54 5.55
N TYR A 307 10.01 5.77 4.63
CA TYR A 307 10.55 4.45 4.95
C TYR A 307 11.74 4.53 5.91
N PHE A 308 12.64 5.49 5.67
CA PHE A 308 13.83 5.64 6.49
C PHE A 308 13.60 6.51 7.72
N TYR A 309 12.97 7.67 7.51
CA TYR A 309 12.83 8.68 8.57
C TYR A 309 11.52 8.59 9.36
N GLY A 310 10.52 7.93 8.79
CA GLY A 310 9.24 7.73 9.45
C GLY A 310 8.29 8.90 9.28
N THR A 311 7.58 9.23 10.36
CA THR A 311 6.58 10.30 10.34
C THR A 311 6.77 11.25 11.52
N ARG A 312 5.88 12.24 11.62
CA ARG A 312 5.90 13.21 12.73
C ARG A 312 5.53 12.55 14.07
N ALA A 313 4.48 11.72 14.04
CA ALA A 313 4.02 11.00 15.24
C ALA A 313 4.97 9.87 15.61
N ASN A 314 5.35 9.07 14.61
CA ASN A 314 6.29 7.97 14.80
C ASN A 314 7.59 8.19 14.06
N ASN A 315 8.53 8.87 14.74
CA ASN A 315 9.82 9.19 14.16
C ASN A 315 10.77 8.00 14.13
N LEU A 316 11.29 7.70 12.94
CA LEU A 316 12.31 6.67 12.78
C LEU A 316 13.68 7.31 12.62
N TYR A 317 14.71 6.62 13.13
CA TYR A 317 16.06 7.16 13.12
C TYR A 317 17.02 6.25 12.34
N PRO A 318 17.19 6.54 11.04
CA PRO A 318 18.06 5.72 10.19
C PRO A 318 19.54 6.02 10.40
N PHE A 319 20.37 5.01 10.18
CA PHE A 319 21.81 5.13 10.38
C PHE A 319 22.54 5.34 9.05
N THR A 320 23.57 6.20 9.08
CA THR A 320 24.40 6.46 7.91
C THR A 320 25.82 5.99 8.18
N PHE A 321 26.17 4.83 7.62
CA PHE A 321 27.49 4.23 7.81
C PHE A 321 28.12 3.75 6.51
N ASP A 322 29.45 3.67 6.49
CA ASP A 322 30.20 3.23 5.33
C ASP A 322 30.25 1.71 5.24
N VAL A 323 30.16 1.19 4.01
CA VAL A 323 30.22 -0.26 3.77
C VAL A 323 31.26 -0.57 2.71
N SER A 324 32.20 -1.45 3.04
CA SER A 324 33.22 -1.92 2.11
C SER A 324 32.59 -2.82 1.04
N PHE A 325 33.07 -2.70 -0.19
CA PHE A 325 32.56 -3.50 -1.31
C PHE A 325 32.99 -4.97 -1.23
N ASP A 326 33.96 -5.25 -0.37
CA ASP A 326 34.42 -6.62 -0.12
C ASP A 326 33.49 -7.36 0.84
N ASP A 327 32.71 -6.60 1.60
CA ASP A 327 31.81 -7.17 2.61
C ASP A 327 30.40 -7.43 2.07
N VAL A 328 30.11 -6.91 0.89
CA VAL A 328 28.78 -7.07 0.27
C VAL A 328 28.87 -7.55 -1.19
N THR A 329 27.78 -8.15 -1.66
CA THR A 329 27.65 -8.54 -3.06
C THR A 329 26.48 -7.80 -3.70
N LEU A 330 26.78 -6.94 -4.66
CA LEU A 330 25.77 -6.19 -5.40
C LEU A 330 25.26 -7.01 -6.57
N CYS A 331 23.93 -7.07 -6.74
CA CYS A 331 23.33 -7.85 -7.82
CA CYS A 331 23.30 -7.88 -7.76
C CYS A 331 22.11 -7.16 -8.42
N LYS A 332 21.86 -7.48 -9.69
CA LYS A 332 20.77 -6.89 -10.46
C LYS A 332 19.98 -7.99 -11.19
N ILE A 333 18.67 -7.85 -11.23
CA ILE A 333 17.80 -8.77 -11.97
C ILE A 333 17.42 -8.16 -13.32
N GLY A 334 17.79 -8.85 -14.39
CA GLY A 334 17.51 -8.38 -15.75
C GLY A 334 18.77 -8.18 -16.56
N HIS A 352 16.66 -14.01 -19.71
CA HIS A 352 17.06 -12.62 -19.92
C HIS A 352 16.33 -11.65 -18.99
N GLU A 353 15.04 -11.91 -18.78
CA GLU A 353 14.20 -11.08 -17.89
C GLU A 353 14.32 -11.53 -16.44
N THR A 354 14.37 -12.84 -16.23
CA THR A 354 14.49 -13.42 -14.88
C THR A 354 15.92 -13.90 -14.61
N LYS A 355 16.85 -13.54 -15.49
CA LYS A 355 18.25 -13.90 -15.34
C LYS A 355 18.95 -12.99 -14.33
N LEU A 356 19.83 -13.58 -13.53
CA LEU A 356 20.55 -12.86 -12.49
C LEU A 356 21.87 -12.29 -13.00
N VAL A 357 22.17 -11.05 -12.63
CA VAL A 357 23.39 -10.38 -13.03
C VAL A 357 24.15 -9.86 -11.81
N ILE A 358 25.40 -10.26 -11.67
CA ILE A 358 26.27 -9.78 -10.59
C ILE A 358 26.82 -8.40 -10.95
N MET A 359 26.70 -7.45 -10.03
CA MET A 359 27.12 -6.07 -10.26
C MET A 359 28.49 -5.76 -9.68
N GLU A 360 29.30 -5.06 -10.47
CA GLU A 360 30.57 -4.52 -10.00
C GLU A 360 30.32 -3.10 -9.49
N PRO A 361 30.90 -2.75 -8.32
CA PRO A 361 30.74 -1.41 -7.74
C PRO A 361 31.10 -0.29 -8.72
N SER A 362 30.14 0.59 -8.97
CA SER A 362 30.32 1.68 -9.93
C SER A 362 29.72 2.99 -9.43
N ALA A 363 29.90 4.06 -10.20
CA ALA A 363 29.35 5.37 -9.86
C ALA A 363 27.85 5.44 -10.16
N ASP A 364 27.39 4.54 -11.02
CA ASP A 364 25.99 4.52 -11.47
C ASP A 364 25.02 3.94 -10.44
N ILE A 365 25.54 3.37 -9.36
CA ILE A 365 24.71 2.83 -8.29
C ILE A 365 24.30 3.92 -7.27
N LYS A 366 24.90 5.10 -7.42
CA LYS A 366 24.64 6.24 -6.54
C LYS A 366 23.18 6.67 -6.60
N HIS A 367 22.61 6.97 -5.44
CA HIS A 367 21.21 7.41 -5.29
C HIS A 367 20.16 6.32 -5.54
N HIS A 368 20.61 5.13 -5.94
CA HIS A 368 19.72 4.00 -6.15
C HIS A 368 19.43 3.26 -4.84
N LEU A 369 18.21 2.74 -4.72
CA LEU A 369 17.83 1.89 -3.59
C LEU A 369 18.35 0.48 -3.80
N PHE A 370 18.66 -0.20 -2.69
CA PHE A 370 19.11 -1.59 -2.72
C PHE A 370 18.37 -2.42 -1.68
N ALA A 371 17.96 -3.62 -2.07
CA ALA A 371 17.23 -4.52 -1.19
C ALA A 371 18.14 -5.56 -0.54
N PHE A 372 17.99 -5.75 0.77
CA PHE A 372 18.69 -6.80 1.50
C PHE A 372 17.92 -8.11 1.35
N SER A 373 18.40 -8.96 0.45
CA SER A 373 17.75 -10.24 0.15
C SER A 373 17.78 -11.20 1.34
N ARG A 374 16.76 -12.04 1.44
CA ARG A 374 16.73 -13.08 2.48
C ARG A 374 17.54 -14.31 2.06
N SER A 375 17.88 -14.38 0.78
CA SER A 375 18.77 -15.41 0.25
C SER A 375 20.21 -15.13 0.71
N THR A 376 20.84 -16.13 1.31
CA THR A 376 22.21 -16.01 1.81
C THR A 376 23.26 -15.99 0.71
N LYS A 377 22.89 -16.49 -0.47
CA LYS A 377 23.77 -16.51 -1.63
C LYS A 377 23.16 -15.73 -2.79
N ALA A 378 24.01 -15.03 -3.55
CA ALA A 378 23.58 -14.30 -4.73
C ALA A 378 23.48 -15.23 -5.93
N ASP A 379 22.37 -15.98 -5.99
CA ASP A 379 22.16 -16.98 -7.04
C ASP A 379 20.71 -17.04 -7.51
N GLU A 380 20.25 -18.24 -7.86
CA GLU A 380 18.90 -18.47 -8.39
C GLU A 380 17.79 -18.14 -7.37
N ASN A 381 18.12 -18.26 -6.09
CA ASN A 381 17.15 -18.05 -5.00
C ASN A 381 16.74 -16.59 -4.81
N VAL A 382 17.65 -15.67 -5.16
CA VAL A 382 17.42 -14.23 -5.02
C VAL A 382 16.15 -13.75 -5.74
N LEU A 383 15.90 -14.33 -6.91
CA LEU A 383 14.77 -13.97 -7.78
C LEU A 383 13.41 -13.99 -7.09
N LYS A 384 13.17 -15.02 -6.27
CA LYS A 384 11.87 -15.23 -5.63
C LYS A 384 11.92 -15.17 -4.10
N SER A 385 13.04 -14.71 -3.57
CA SER A 385 13.19 -14.53 -2.12
C SER A 385 12.65 -13.17 -1.68
N PRO A 386 11.96 -13.13 -0.53
CA PRO A 386 11.58 -11.85 0.07
C PRO A 386 12.81 -11.07 0.55
N VAL A 387 12.60 -9.85 1.02
CA VAL A 387 13.70 -9.01 1.48
C VAL A 387 13.54 -8.57 2.93
N PHE A 388 14.66 -8.33 3.61
CA PHE A 388 14.67 -7.81 4.98
C PHE A 388 14.22 -6.36 4.98
N GLY A 389 14.67 -5.61 3.99
CA GLY A 389 14.39 -4.20 3.88
C GLY A 389 15.22 -3.53 2.79
N PHE A 390 15.39 -2.22 2.91
CA PHE A 390 16.06 -1.43 1.89
C PHE A 390 17.06 -0.46 2.48
N CYS A 391 18.10 -0.16 1.70
CA CYS A 391 19.04 0.93 2.01
C CYS A 391 19.14 1.88 0.82
N LEU A 392 19.69 3.07 1.07
CA LEU A 392 19.94 4.04 0.01
C LEU A 392 21.42 4.37 -0.06
N VAL A 393 22.01 4.18 -1.24
CA VAL A 393 23.41 4.53 -1.47
C VAL A 393 23.49 6.04 -1.71
N THR A 394 24.10 6.73 -0.74
CA THR A 394 24.22 8.19 -0.81
C THR A 394 25.54 8.64 -1.43
N GLU A 395 26.63 8.02 -1.01
CA GLU A 395 27.96 8.34 -1.52
C GLU A 395 28.67 7.09 -2.03
N VAL A 396 29.50 7.26 -3.07
CA VAL A 396 30.29 6.16 -3.61
C VAL A 396 31.77 6.55 -3.63
N ASP A 397 32.56 5.90 -2.77
CA ASP A 397 33.99 6.13 -2.71
C ASP A 397 34.73 4.99 -3.42
N LEU A 398 34.99 5.17 -4.70
CA LEU A 398 35.66 4.16 -5.53
C LEU A 398 37.14 4.02 -5.19
N GLU A 399 37.72 5.09 -4.63
CA GLU A 399 39.12 5.09 -4.22
C GLU A 399 39.34 4.25 -2.96
N LYS A 400 38.50 4.48 -1.94
CA LYS A 400 38.60 3.77 -0.67
C LYS A 400 37.88 2.41 -0.68
N ARG A 401 37.19 2.14 -1.79
CA ARG A 401 36.37 0.93 -1.97
C ARG A 401 35.25 0.80 -0.93
N THR A 402 34.62 1.93 -0.62
CA THR A 402 33.52 1.98 0.33
C THR A 402 32.32 2.75 -0.25
N MET A 403 31.15 2.52 0.32
CA MET A 403 29.95 3.30 -0.02
C MET A 403 29.17 3.68 1.24
N SER A 404 28.64 4.90 1.24
CA SER A 404 27.81 5.37 2.33
C SER A 404 26.35 5.01 2.06
N ILE A 405 25.74 4.31 3.01
CA ILE A 405 24.33 3.91 2.88
C ILE A 405 23.46 4.41 4.04
N LEU A 406 22.24 4.79 3.72
CA LEU A 406 21.23 5.11 4.72
C LEU A 406 20.43 3.83 5.01
N CYS A 407 20.50 3.37 6.25
CA CYS A 407 19.94 2.07 6.62
C CYS A 407 19.11 2.16 7.90
N PRO A 408 17.91 1.53 7.91
CA PRO A 408 17.01 1.54 9.08
C PRO A 408 17.62 0.96 10.36
N GLN A 409 18.51 -0.03 10.23
CA GLN A 409 19.14 -0.65 11.40
C GLN A 409 20.65 -0.38 11.48
N ARG A 410 21.25 -0.79 12.59
CA ARG A 410 22.65 -0.49 12.90
C ARG A 410 23.65 -1.18 11.97
N THR A 411 23.41 -2.47 11.70
CA THR A 411 24.26 -3.24 10.80
C THR A 411 23.44 -3.78 9.63
N ILE A 412 24.12 -4.20 8.56
CA ILE A 412 23.45 -4.77 7.40
C ILE A 412 22.86 -6.16 7.72
N PRO A 413 21.54 -6.33 7.48
CA PRO A 413 20.87 -7.61 7.76
C PRO A 413 21.26 -8.72 6.78
N SER A 414 21.78 -8.33 5.62
CA SER A 414 22.16 -9.28 4.58
C SER A 414 23.38 -8.79 3.81
N LYS A 415 24.18 -9.73 3.32
CA LYS A 415 25.35 -9.41 2.49
C LYS A 415 24.97 -9.29 1.01
N VAL A 416 23.78 -9.75 0.67
CA VAL A 416 23.29 -9.74 -0.72
C VAL A 416 22.39 -8.53 -0.96
N LEU A 417 22.86 -7.60 -1.79
CA LEU A 417 22.15 -6.37 -2.08
C LEU A 417 21.59 -6.39 -3.51
N VAL A 418 20.27 -6.28 -3.62
CA VAL A 418 19.59 -6.36 -4.90
C VAL A 418 19.23 -4.97 -5.43
N PHE A 419 19.58 -4.71 -6.69
CA PHE A 419 19.42 -3.41 -7.33
C PHE A 419 17.96 -3.02 -7.54
N SER A 420 17.67 -1.74 -7.32
CA SER A 420 16.40 -1.13 -7.68
C SER A 420 16.67 0.08 -8.57
N ASP A 421 15.84 0.28 -9.59
CA ASP A 421 16.00 1.40 -10.51
C ASP A 421 15.45 2.70 -9.93
N ILE A 422 14.72 2.59 -8.82
CA ILE A 422 14.20 3.75 -8.10
C ILE A 422 15.34 4.54 -7.47
N THR A 423 15.42 5.82 -7.79
CA THR A 423 16.43 6.72 -7.24
C THR A 423 15.81 7.71 -6.26
N HIS A 424 16.56 8.07 -5.23
CA HIS A 424 16.12 9.07 -4.26
C HIS A 424 17.25 10.01 -3.85
N LEU A 425 16.95 11.31 -3.91
CA LEU A 425 17.89 12.35 -3.49
C LEU A 425 17.52 12.81 -2.09
N ASP A 426 18.46 12.65 -1.16
CA ASP A 426 18.23 12.97 0.25
C ASP A 426 19.31 13.90 0.79
PG ATP B . -3.38 6.16 -7.56
O1G ATP B . -1.98 6.59 -7.16
O2G ATP B . -4.00 7.02 -8.63
O3G ATP B . -3.53 4.68 -7.81
PB ATP B . -5.69 5.84 -5.96
O1B ATP B . -5.53 4.61 -5.10
O2B ATP B . -6.46 5.74 -7.25
O3B ATP B . -4.24 6.49 -6.24
PA ATP B . -6.11 7.18 -3.51
O1A ATP B . -4.63 7.15 -3.26
O2A ATP B . -7.01 6.23 -2.75
O3A ATP B . -6.39 6.99 -5.08
O5' ATP B . -6.65 8.68 -3.32
C5' ATP B . -5.95 9.78 -3.90
C4' ATP B . -6.05 11.00 -3.00
O4' ATP B . -7.41 11.42 -2.90
C3' ATP B . -5.56 10.72 -1.58
O3' ATP B . -4.74 11.80 -1.15
C2' ATP B . -6.83 10.64 -0.75
O2' ATP B . -6.64 11.14 0.58
C1' ATP B . -7.82 11.49 -1.53
N9 ATP B . -9.21 11.01 -1.37
C8 ATP B . -9.66 9.77 -1.63
N7 ATP B . -10.99 9.67 -1.38
C5 ATP B . -11.40 10.87 -0.94
C6 ATP B . -12.68 11.47 -0.49
N6 ATP B . -13.82 10.75 -0.45
N1 ATP B . -12.67 12.77 -0.12
C2 ATP B . -11.54 13.52 -0.14
N3 ATP B . -10.36 13.04 -0.54
C4 ATP B . -10.22 11.75 -0.93
MN MN C . -3.51 3.70 -5.18
O1 2PE D . -22.36 -4.70 13.08
C2 2PE D . -21.22 -4.00 13.63
C3 2PE D . -20.23 -3.72 12.51
O4 2PE D . -19.04 -3.17 13.04
C5 2PE D . -17.88 -3.60 12.33
C6 2PE D . -17.50 -2.63 11.21
O7 2PE D . -18.04 -1.34 11.46
C8 2PE D . -17.65 -0.40 10.47
C9 2PE D . -18.87 0.12 9.73
O10 2PE D . -19.50 1.16 10.49
C11 2PE D . -20.80 1.46 9.99
C12 2PE D . -21.58 2.26 11.02
O13 2PE D . -21.67 1.54 12.24
#